data_2JOC
#
_entry.id   2JOC
#
_cell.length_a   1.000
_cell.length_b   1.000
_cell.length_c   1.000
_cell.angle_alpha   90.00
_cell.angle_beta   90.00
_cell.angle_gamma   90.00
#
_symmetry.space_group_name_H-M   'P 1'
#
_entity_poly.entity_id   1
_entity_poly.type   'polypeptide(L)'
_entity_poly.pdbx_seq_one_letter_code
;GAMGPLPPGWEKRTDSNGRVYFVNHNTRI(TPO)QWEDPRS
;
_entity_poly.pdbx_strand_id   A
#
# COMPACT_ATOMS: atom_id res chain seq x y z
N GLY A 1 8.99 0.23 -3.59
CA GLY A 1 7.73 0.29 -4.38
C GLY A 1 7.85 -0.41 -5.72
N ALA A 2 8.31 0.33 -6.73
CA ALA A 2 8.46 -0.23 -8.06
C ALA A 2 7.13 -0.71 -8.62
N MET A 3 7.19 -1.50 -9.68
CA MET A 3 5.98 -2.03 -10.31
C MET A 3 5.21 -2.93 -9.34
N GLY A 4 5.56 -2.83 -8.06
CA GLY A 4 4.90 -3.64 -7.05
C GLY A 4 4.37 -2.82 -5.90
N PRO A 5 3.97 -3.48 -4.79
CA PRO A 5 3.45 -2.80 -3.61
C PRO A 5 4.07 -1.43 -3.37
N LEU A 6 3.39 -0.63 -2.56
CA LEU A 6 3.83 0.72 -2.23
C LEU A 6 4.41 1.41 -3.45
N PRO A 7 3.54 1.70 -4.40
CA PRO A 7 3.90 2.35 -5.65
C PRO A 7 4.23 3.83 -5.48
N PRO A 8 3.24 4.58 -5.00
CA PRO A 8 3.36 6.01 -4.74
C PRO A 8 4.03 6.33 -3.41
N GLY A 9 5.21 5.78 -3.18
CA GLY A 9 5.87 6.01 -1.90
C GLY A 9 4.90 5.69 -0.78
N TRP A 10 4.55 4.41 -0.71
CA TRP A 10 3.55 3.90 0.24
C TRP A 10 4.11 2.92 1.26
N GLU A 11 3.49 2.88 2.43
CA GLU A 11 3.89 1.93 3.44
C GLU A 11 2.94 0.75 3.38
N LYS A 12 3.34 -0.26 2.64
CA LYS A 12 2.53 -1.46 2.46
C LYS A 12 3.26 -2.67 3.01
N ARG A 13 2.49 -3.64 3.45
CA ARG A 13 3.05 -4.86 4.01
C ARG A 13 2.15 -6.06 3.75
N THR A 14 2.75 -7.23 3.58
CA THR A 14 2.00 -8.44 3.33
C THR A 14 2.19 -9.49 4.42
N ASP A 15 1.28 -9.49 5.38
CA ASP A 15 1.32 -10.46 6.47
C ASP A 15 0.53 -11.70 6.06
N SER A 16 0.94 -12.88 6.52
CA SER A 16 0.26 -14.12 6.15
C SER A 16 -1.22 -14.02 6.30
N ASN A 17 -1.74 -13.05 7.06
CA ASN A 17 -3.16 -12.89 6.95
C ASN A 17 -3.24 -13.04 5.45
N GLY A 18 -1.99 -12.89 4.96
CA GLY A 18 -1.59 -13.03 3.60
C GLY A 18 -2.43 -12.21 2.67
N ARG A 19 -2.41 -10.93 2.95
CA ARG A 19 -3.14 -9.92 2.20
C ARG A 19 -2.27 -8.68 2.01
N VAL A 20 -2.52 -7.97 0.92
CA VAL A 20 -1.75 -6.77 0.62
C VAL A 20 -2.49 -5.53 1.09
N TYR A 21 -1.92 -4.82 2.05
CA TYR A 21 -2.54 -3.62 2.61
C TYR A 21 -1.71 -2.37 2.34
N PHE A 22 -2.40 -1.23 2.26
CA PHE A 22 -1.75 0.03 1.96
C PHE A 22 -2.06 1.10 2.99
N VAL A 23 -1.02 1.63 3.62
CA VAL A 23 -1.18 2.69 4.58
C VAL A 23 -0.57 3.97 4.04
N ASN A 24 -1.41 4.80 3.47
CA ASN A 24 -0.98 6.08 2.92
C ASN A 24 -1.38 7.16 3.89
N HIS A 25 -0.42 7.93 4.38
CA HIS A 25 -0.77 8.93 5.35
C HIS A 25 -0.51 10.35 4.88
N ASN A 26 -1.49 10.86 4.14
CA ASN A 26 -1.50 12.25 3.75
C ASN A 26 -2.33 12.95 4.81
N THR A 27 -3.64 12.84 4.62
CA THR A 27 -4.61 13.31 5.59
C THR A 27 -4.97 12.11 6.47
N ARG A 28 -5.81 11.24 5.91
CA ARG A 28 -6.23 9.99 6.56
C ARG A 28 -6.61 8.95 5.50
N ILE A 29 -5.64 8.14 5.05
CA ILE A 29 -5.93 7.14 4.02
C ILE A 29 -5.51 5.72 4.43
N TPO A 30 -6.45 4.78 4.33
CA TPO A 30 -6.18 3.39 4.69
CB TPO A 30 -6.50 3.13 6.19
CG2 TPO A 30 -5.58 3.95 7.08
OG1 TPO A 30 -7.86 3.46 6.46
P TPO A 30 -8.52 3.43 7.97
O1P TPO A 30 -9.98 3.63 7.84
O2P TPO A 30 -7.93 4.52 8.75
O3P TPO A 30 -8.22 2.13 8.57
C TPO A 30 -6.99 2.41 3.84
O TPO A 30 -8.20 2.25 4.01
H TPO A 30 -7.34 5.03 4.00
HA TPO A 30 -5.13 3.20 4.54
HB TPO A 30 -6.34 2.08 6.39
HG21 TPO A 30 -5.81 3.74 8.12
HG22 TPO A 30 -5.72 5.00 6.89
HG23 TPO A 30 -4.55 3.68 6.88
N GLN A 31 -6.31 1.75 2.91
CA GLN A 31 -6.93 0.77 2.01
C GLN A 31 -5.92 -0.28 1.62
N TRP A 32 -6.34 -1.52 1.37
CA TRP A 32 -5.38 -2.52 0.97
C TRP A 32 -5.36 -2.66 -0.55
N GLU A 33 -4.70 -1.71 -1.22
CA GLU A 33 -4.55 -1.77 -2.67
C GLU A 33 -3.39 -0.92 -3.20
N ASP A 34 -2.81 -1.33 -4.32
CA ASP A 34 -1.81 -0.51 -4.99
C ASP A 34 -2.55 0.73 -5.46
N PRO A 35 -2.05 1.97 -5.21
CA PRO A 35 -2.77 3.18 -5.57
C PRO A 35 -2.43 3.69 -6.97
N ARG A 36 -1.67 2.89 -7.71
CA ARG A 36 -1.26 3.23 -9.06
C ARG A 36 -1.43 4.72 -9.33
N SER A 37 -2.52 5.08 -10.00
CA SER A 37 -2.80 6.47 -10.33
C SER A 37 -2.99 7.29 -9.06
N GLY A 1 14.66 -2.47 -7.42
CA GLY A 1 14.34 -1.13 -7.99
C GLY A 1 12.89 -0.75 -7.80
N ALA A 2 12.25 -1.35 -6.81
CA ALA A 2 10.85 -1.06 -6.53
C ALA A 2 9.92 -1.75 -7.52
N MET A 3 9.34 -2.87 -7.10
CA MET A 3 8.43 -3.64 -7.94
C MET A 3 7.46 -4.44 -7.09
N GLY A 4 6.19 -4.01 -7.09
CA GLY A 4 5.19 -4.70 -6.30
C GLY A 4 4.36 -3.73 -5.48
N PRO A 5 3.77 -4.20 -4.38
CA PRO A 5 2.96 -3.39 -3.49
C PRO A 5 3.36 -1.91 -3.54
N LEU A 6 2.36 -1.07 -3.69
CA LEU A 6 2.53 0.39 -3.75
C LEU A 6 3.48 0.89 -4.81
N PRO A 7 2.92 1.56 -5.82
CA PRO A 7 3.69 2.20 -6.88
C PRO A 7 4.40 3.45 -6.39
N PRO A 8 3.63 4.32 -5.75
CA PRO A 8 4.09 5.60 -5.20
C PRO A 8 4.76 5.47 -3.84
N GLY A 9 5.09 6.61 -3.23
CA GLY A 9 5.69 6.60 -1.90
C GLY A 9 4.66 6.16 -0.88
N TRP A 10 4.60 4.86 -0.65
CA TRP A 10 3.61 4.26 0.24
C TRP A 10 4.19 3.26 1.22
N GLU A 11 3.53 3.12 2.36
CA GLU A 11 3.92 2.12 3.33
C GLU A 11 2.99 0.93 3.16
N LYS A 12 3.37 0.00 2.31
CA LYS A 12 2.57 -1.19 2.04
C LYS A 12 3.26 -2.42 2.59
N ARG A 13 2.45 -3.40 2.97
CA ARG A 13 2.98 -4.62 3.55
C ARG A 13 2.15 -5.84 3.19
N THR A 14 2.82 -6.99 3.13
CA THR A 14 2.18 -8.25 2.81
C THR A 14 2.43 -9.28 3.89
N ASP A 15 1.54 -9.32 4.88
CA ASP A 15 1.64 -10.26 5.99
C ASP A 15 0.64 -11.39 5.81
N SER A 16 0.95 -12.58 6.31
CA SER A 16 0.06 -13.74 6.19
C SER A 16 -1.33 -13.39 6.58
N ASN A 17 -1.55 -12.31 7.32
CA ASN A 17 -2.93 -11.93 7.45
C ASN A 17 -3.32 -12.20 6.02
N GLY A 18 -2.18 -12.28 5.30
CA GLY A 18 -2.08 -12.60 3.91
C GLY A 18 -3.00 -11.78 3.07
N ARG A 19 -2.79 -10.48 3.22
CA ARG A 19 -3.54 -9.46 2.51
C ARG A 19 -2.62 -8.33 2.06
N VAL A 20 -2.93 -7.72 0.93
CA VAL A 20 -2.13 -6.61 0.42
C VAL A 20 -2.75 -5.29 0.85
N TYR A 21 -2.24 -4.72 1.93
CA TYR A 21 -2.79 -3.48 2.47
C TYR A 21 -1.87 -2.29 2.23
N PHE A 22 -2.48 -1.10 2.13
CA PHE A 22 -1.77 0.13 1.88
C PHE A 22 -2.02 1.15 2.97
N VAL A 23 -0.94 1.71 3.51
CA VAL A 23 -1.08 2.73 4.53
C VAL A 23 -0.32 4.00 4.14
N ASN A 24 -1.04 4.92 3.53
CA ASN A 24 -0.48 6.20 3.13
C ASN A 24 -1.05 7.27 4.02
N HIS A 25 -0.21 8.18 4.49
CA HIS A 25 -0.71 9.19 5.37
C HIS A 25 -0.53 10.60 4.82
N ASN A 26 -1.49 10.98 4.00
CA ASN A 26 -1.56 12.34 3.50
C ASN A 26 -2.49 13.04 4.47
N THR A 27 -3.78 12.83 4.23
CA THR A 27 -4.81 13.29 5.14
C THR A 27 -5.10 12.12 6.08
N ARG A 28 -5.89 11.17 5.57
CA ARG A 28 -6.25 9.95 6.29
C ARG A 28 -6.55 8.84 5.28
N ILE A 29 -5.55 8.06 4.85
CA ILE A 29 -5.81 7.01 3.87
C ILE A 29 -5.25 5.64 4.28
N TPO A 30 -6.13 4.63 4.27
CA TPO A 30 -5.74 3.26 4.62
CB TPO A 30 -5.83 2.99 6.12
CG2 TPO A 30 -5.04 1.75 6.51
OG1 TPO A 30 -5.32 4.12 6.85
P TPO A 30 -5.01 4.11 8.46
O1P TPO A 30 -3.88 3.20 8.70
O2P TPO A 30 -4.69 5.47 8.88
O3P TPO A 30 -6.21 3.62 9.16
C TPO A 30 -6.61 2.23 3.88
O TPO A 30 -7.66 1.82 4.38
H TPO A 30 -7.06 4.80 4.03
HA TPO A 30 -4.71 3.13 4.30
HB TPO A 30 -6.87 2.83 6.39
HG21 TPO A 30 -5.45 0.89 5.98
HG22 TPO A 30 -5.11 1.59 7.57
HG23 TPO A 30 -4.00 1.89 6.22
N GLN A 31 -6.17 1.84 2.69
CA GLN A 31 -6.88 0.86 1.87
C GLN A 31 -5.92 -0.20 1.39
N TRP A 32 -6.37 -1.44 1.21
CA TRP A 32 -5.45 -2.45 0.73
C TRP A 32 -5.49 -2.51 -0.79
N GLU A 33 -4.82 -1.55 -1.43
CA GLU A 33 -4.73 -1.53 -2.90
C GLU A 33 -3.55 -0.70 -3.41
N ASP A 34 -3.04 -1.06 -4.59
CA ASP A 34 -2.03 -0.23 -5.23
C ASP A 34 -2.75 1.04 -5.67
N PRO A 35 -2.18 2.24 -5.51
CA PRO A 35 -2.87 3.48 -5.82
C PRO A 35 -2.62 3.95 -7.24
N ARG A 36 -2.63 3.01 -8.18
CA ARG A 36 -2.41 3.32 -9.59
C ARG A 36 -3.00 4.67 -9.96
N SER A 37 -3.97 5.12 -9.17
CA SER A 37 -4.63 6.40 -9.41
C SER A 37 -4.99 7.08 -8.10
N GLY A 1 10.95 -0.70 -6.18
CA GLY A 1 11.24 -0.63 -7.63
C GLY A 1 10.03 -0.25 -8.45
N ALA A 2 8.95 0.11 -7.77
CA ALA A 2 7.72 0.52 -8.44
C ALA A 2 7.12 -0.64 -9.23
N MET A 3 7.73 -1.81 -9.10
CA MET A 3 7.25 -3.01 -9.80
C MET A 3 6.37 -3.86 -8.89
N GLY A 4 5.66 -3.21 -7.99
CA GLY A 4 4.79 -3.92 -7.08
C GLY A 4 4.20 -3.02 -6.01
N PRO A 5 3.76 -3.60 -4.89
CA PRO A 5 3.20 -2.87 -3.77
C PRO A 5 3.77 -1.46 -3.63
N LEU A 6 3.05 -0.62 -2.91
CA LEU A 6 3.44 0.77 -2.69
C LEU A 6 3.91 1.42 -3.96
N PRO A 7 2.98 1.74 -4.84
CA PRO A 7 3.27 2.39 -6.10
C PRO A 7 3.79 3.80 -5.85
N PRO A 8 2.98 4.56 -5.15
CA PRO A 8 3.29 5.92 -4.71
C PRO A 8 4.04 5.86 -3.38
N GLY A 9 4.33 7.00 -2.78
CA GLY A 9 4.99 6.99 -1.49
C GLY A 9 4.11 6.25 -0.49
N TRP A 10 4.20 4.93 -0.48
CA TRP A 10 3.34 4.11 0.37
C TRP A 10 4.09 3.10 1.22
N GLU A 11 3.50 2.80 2.38
CA GLU A 11 4.05 1.81 3.27
C GLU A 11 3.11 0.61 3.26
N LYS A 12 3.35 -0.30 2.34
CA LYS A 12 2.52 -1.50 2.21
C LYS A 12 3.26 -2.69 2.75
N ARG A 13 2.51 -3.65 3.24
CA ARG A 13 3.10 -4.86 3.81
C ARG A 13 2.19 -6.06 3.67
N THR A 14 2.81 -7.24 3.57
CA THR A 14 2.06 -8.48 3.44
C THR A 14 2.32 -9.41 4.61
N ASP A 15 1.51 -9.26 5.66
CA ASP A 15 1.62 -10.11 6.84
C ASP A 15 0.67 -11.28 6.71
N SER A 16 1.01 -12.42 7.31
CA SER A 16 0.15 -13.61 7.24
C SER A 16 -1.28 -13.28 7.44
N ASN A 17 -1.61 -12.13 8.04
CA ASN A 17 -3.01 -11.79 7.98
C ASN A 17 -3.24 -12.21 6.54
N GLY A 18 -2.02 -12.31 5.96
CA GLY A 18 -1.76 -12.76 4.63
C GLY A 18 -2.59 -12.03 3.61
N ARG A 19 -2.38 -10.73 3.63
CA ARG A 19 -3.05 -9.80 2.74
C ARG A 19 -2.17 -8.59 2.47
N VAL A 20 -2.34 -7.98 1.32
CA VAL A 20 -1.56 -6.81 0.92
C VAL A 20 -2.35 -5.54 1.19
N TYR A 21 -2.03 -4.88 2.30
CA TYR A 21 -2.74 -3.66 2.69
C TYR A 21 -1.89 -2.41 2.48
N PHE A 22 -2.57 -1.28 2.25
CA PHE A 22 -1.89 -0.02 1.99
C PHE A 22 -2.14 1.01 3.08
N VAL A 23 -1.05 1.46 3.70
CA VAL A 23 -1.15 2.49 4.72
C VAL A 23 -0.45 3.74 4.24
N ASN A 24 -1.24 4.67 3.71
CA ASN A 24 -0.72 5.92 3.21
C ASN A 24 -1.43 7.06 3.94
N HIS A 25 -0.67 8.06 4.35
CA HIS A 25 -1.30 9.15 5.06
C HIS A 25 -1.02 10.50 4.45
N ASN A 26 -1.82 10.84 3.46
CA ASN A 26 -1.80 12.17 2.87
C ASN A 26 -2.87 12.92 3.64
N THR A 27 -4.10 12.69 3.22
CA THR A 27 -5.25 13.19 3.92
C THR A 27 -5.69 12.10 4.89
N ARG A 28 -6.41 11.11 4.34
CA ARG A 28 -6.85 9.94 5.09
C ARG A 28 -7.06 8.74 4.13
N ILE A 29 -6.02 7.93 3.90
CA ILE A 29 -6.18 6.79 2.99
C ILE A 29 -5.74 5.46 3.61
N TPO A 30 -6.66 4.47 3.59
CA TPO A 30 -6.39 3.15 4.15
CB TPO A 30 -6.75 3.10 5.64
CG2 TPO A 30 -5.92 4.09 6.44
OG1 TPO A 30 -8.14 3.39 5.82
P TPO A 30 -9.24 2.29 6.36
O1P TPO A 30 -10.46 2.42 5.53
O2P TPO A 30 -8.67 0.95 6.22
O3P TPO A 30 -9.54 2.58 7.77
C TPO A 30 -7.17 2.06 3.41
O TPO A 30 -8.34 1.83 3.68
H TPO A 30 -7.53 4.64 3.18
HA TPO A 30 -5.33 2.96 4.04
HB TPO A 30 -6.54 2.10 6.01
HG21 TPO A 30 -4.87 3.88 6.31
HG22 TPO A 30 -6.17 4.02 7.49
HG23 TPO A 30 -6.12 5.09 6.08
N GLN A 31 -6.49 1.39 2.47
CA GLN A 31 -7.09 0.31 1.69
C GLN A 31 -6.02 -0.68 1.28
N TRP A 32 -6.35 -1.95 1.11
CA TRP A 32 -5.31 -2.87 0.69
C TRP A 32 -5.31 -2.94 -0.83
N GLU A 33 -4.75 -1.92 -1.47
CA GLU A 33 -4.62 -1.88 -2.92
C GLU A 33 -3.56 -0.91 -3.41
N ASP A 34 -2.96 -1.19 -4.57
CA ASP A 34 -2.05 -0.22 -5.16
C ASP A 34 -2.90 1.02 -5.46
N PRO A 35 -2.45 2.23 -5.14
CA PRO A 35 -3.24 3.45 -5.32
C PRO A 35 -3.06 4.09 -6.70
N ARG A 36 -2.84 3.27 -7.72
CA ARG A 36 -2.66 3.78 -9.07
C ARG A 36 -3.55 4.99 -9.33
N SER A 37 -4.84 4.76 -9.42
CA SER A 37 -5.79 5.84 -9.66
C SER A 37 -5.70 6.90 -8.58
N GLY A 1 13.31 -1.84 -10.40
CA GLY A 1 13.24 -1.94 -8.92
C GLY A 1 12.10 -2.82 -8.45
N ALA A 2 11.01 -2.84 -9.22
CA ALA A 2 9.84 -3.66 -8.88
C ALA A 2 9.11 -3.09 -7.67
N MET A 3 9.77 -3.12 -6.52
CA MET A 3 9.19 -2.61 -5.27
C MET A 3 7.80 -3.19 -5.02
N GLY A 4 7.51 -3.51 -3.76
CA GLY A 4 6.23 -4.07 -3.40
C GLY A 4 5.07 -3.13 -3.69
N PRO A 5 3.83 -3.57 -3.39
CA PRO A 5 2.61 -2.78 -3.60
C PRO A 5 2.72 -1.35 -3.12
N LEU A 6 3.57 -0.60 -3.76
CA LEU A 6 3.77 0.80 -3.41
C LEU A 6 4.18 1.57 -4.63
N PRO A 7 3.21 1.85 -5.50
CA PRO A 7 3.44 2.60 -6.73
C PRO A 7 3.90 4.00 -6.44
N PRO A 8 3.07 4.71 -5.69
CA PRO A 8 3.31 6.06 -5.21
C PRO A 8 4.07 6.00 -3.88
N GLY A 9 4.34 7.15 -3.27
CA GLY A 9 4.99 7.12 -1.97
C GLY A 9 4.11 6.37 -0.98
N TRP A 10 4.30 5.05 -0.91
CA TRP A 10 3.44 4.21 -0.08
C TRP A 10 4.19 3.26 0.82
N GLU A 11 3.57 2.96 1.95
CA GLU A 11 4.10 2.00 2.89
C GLU A 11 3.20 0.78 2.87
N LYS A 12 3.50 -0.15 1.99
CA LYS A 12 2.70 -1.36 1.85
C LYS A 12 3.43 -2.57 2.39
N ARG A 13 2.66 -3.53 2.87
CA ARG A 13 3.22 -4.74 3.42
C ARG A 13 2.29 -5.93 3.17
N THR A 14 2.90 -7.10 3.00
CA THR A 14 2.14 -8.32 2.77
C THR A 14 2.48 -9.37 3.81
N ASP A 15 1.73 -9.35 4.91
CA ASP A 15 1.94 -10.29 6.00
C ASP A 15 1.05 -11.51 5.80
N SER A 16 1.48 -12.67 6.28
CA SER A 16 0.71 -13.91 6.15
C SER A 16 -0.70 -13.71 6.58
N ASN A 17 -1.00 -12.68 7.38
CA ASN A 17 -2.40 -12.43 7.55
C ASN A 17 -2.82 -12.70 6.13
N GLY A 18 -1.70 -12.64 5.38
CA GLY A 18 -1.61 -12.90 3.97
C GLY A 18 -2.58 -12.10 3.17
N ARG A 19 -2.43 -10.79 3.35
CA ARG A 19 -3.24 -9.80 2.67
C ARG A 19 -2.37 -8.63 2.23
N VAL A 20 -2.74 -8.00 1.12
CA VAL A 20 -1.99 -6.85 0.61
C VAL A 20 -2.68 -5.56 0.99
N TYR A 21 -2.13 -4.83 1.95
CA TYR A 21 -2.74 -3.59 2.39
C TYR A 21 -1.83 -2.37 2.17
N PHE A 22 -2.46 -1.21 1.96
CA PHE A 22 -1.74 0.02 1.68
C PHE A 22 -2.01 1.08 2.74
N VAL A 23 -0.95 1.73 3.21
CA VAL A 23 -1.10 2.80 4.18
C VAL A 23 -0.48 4.07 3.66
N ASN A 24 -1.35 4.97 3.20
CA ASN A 24 -0.93 6.26 2.68
C ASN A 24 -1.39 7.34 3.63
N HIS A 25 -0.44 8.13 4.15
CA HIS A 25 -0.82 9.14 5.09
C HIS A 25 -0.52 10.54 4.58
N ASN A 26 -1.45 11.05 3.81
CA ASN A 26 -1.41 12.44 3.37
C ASN A 26 -2.22 13.16 4.42
N THR A 27 -3.53 13.08 4.25
CA THR A 27 -4.46 13.59 5.24
C THR A 27 -4.79 12.43 6.16
N ARG A 28 -5.72 11.59 5.70
CA ARG A 28 -6.11 10.37 6.41
C ARG A 28 -6.65 9.32 5.42
N ILE A 29 -5.80 8.44 4.88
CA ILE A 29 -6.29 7.44 3.93
C ILE A 29 -5.57 6.10 4.00
N TPO A 30 -6.35 5.01 3.98
CA TPO A 30 -5.79 3.66 4.02
CB TPO A 30 -5.57 3.17 5.46
CG2 TPO A 30 -4.64 1.96 5.48
OG1 TPO A 30 -5.01 4.21 6.26
P TPO A 30 -5.71 4.80 7.61
O1P TPO A 30 -7.18 4.62 7.49
O2P TPO A 30 -5.20 4.06 8.78
O3P TPO A 30 -5.38 6.23 7.73
C TPO A 30 -6.71 2.66 3.29
O TPO A 30 -7.90 2.57 3.58
H TPO A 30 -7.32 5.13 3.95
HA TPO A 30 -4.83 3.68 3.52
HB TPO A 30 -6.52 2.87 5.87
HG21 TPO A 30 -5.08 1.16 4.90
HG22 TPO A 30 -4.50 1.63 6.50
HG23 TPO A 30 -3.69 2.24 5.05
N GLN A 31 -6.12 1.93 2.34
CA GLN A 31 -6.86 0.93 1.55
C GLN A 31 -5.91 -0.18 1.15
N TRP A 32 -6.41 -1.40 0.97
CA TRP A 32 -5.50 -2.44 0.55
C TRP A 32 -5.53 -2.58 -0.96
N GLU A 33 -4.84 -1.66 -1.63
CA GLU A 33 -4.71 -1.71 -3.08
C GLU A 33 -3.55 -0.87 -3.62
N ASP A 34 -3.01 -1.26 -4.76
CA ASP A 34 -1.99 -0.44 -5.42
C ASP A 34 -2.74 0.82 -5.86
N PRO A 35 -2.23 2.04 -5.63
CA PRO A 35 -2.93 3.28 -5.93
C PRO A 35 -2.58 3.86 -7.29
N ARG A 36 -1.86 3.08 -8.10
CA ARG A 36 -1.44 3.53 -9.43
C ARG A 36 -2.42 4.55 -10.00
N SER A 37 -3.69 4.18 -10.03
CA SER A 37 -4.73 5.08 -10.55
C SER A 37 -6.10 4.67 -10.02
N GLY A 1 10.00 -0.54 -4.41
CA GLY A 1 9.01 -0.06 -5.41
C GLY A 1 9.23 -0.66 -6.79
N ALA A 2 9.99 0.04 -7.62
CA ALA A 2 10.28 -0.43 -8.97
C ALA A 2 8.99 -0.64 -9.77
N MET A 3 8.30 -1.73 -9.47
CA MET A 3 7.05 -2.05 -10.16
C MET A 3 6.24 -3.07 -9.36
N GLY A 4 5.34 -2.57 -8.52
CA GLY A 4 4.51 -3.43 -7.70
C GLY A 4 4.03 -2.74 -6.44
N PRO A 5 3.55 -3.52 -5.45
CA PRO A 5 3.07 -2.99 -4.19
C PRO A 5 3.75 -1.69 -3.79
N LEU A 6 3.06 -0.92 -2.96
CA LEU A 6 3.55 0.37 -2.48
C LEU A 6 4.32 1.10 -3.55
N PRO A 7 3.59 1.62 -4.52
CA PRO A 7 4.15 2.37 -5.64
C PRO A 7 4.71 3.70 -5.20
N PRO A 8 3.83 4.52 -4.63
CA PRO A 8 4.17 5.83 -4.10
C PRO A 8 4.78 5.71 -2.69
N GLY A 9 5.20 6.82 -2.10
CA GLY A 9 5.73 6.75 -0.76
C GLY A 9 4.68 6.18 0.18
N TRP A 10 4.55 4.86 0.17
CA TRP A 10 3.53 4.18 0.97
C TRP A 10 4.10 3.22 2.00
N GLU A 11 3.37 3.09 3.11
CA GLU A 11 3.75 2.16 4.15
C GLU A 11 2.83 0.95 4.07
N LYS A 12 3.25 -0.01 3.26
CA LYS A 12 2.48 -1.24 3.07
C LYS A 12 3.16 -2.40 3.77
N ARG A 13 2.36 -3.36 4.18
CA ARG A 13 2.88 -4.52 4.89
C ARG A 13 2.15 -5.79 4.50
N THR A 14 2.90 -6.88 4.44
CA THR A 14 2.34 -8.18 4.08
C THR A 14 2.51 -9.16 5.23
N ASP A 15 1.53 -9.19 6.13
CA ASP A 15 1.55 -10.09 7.27
C ASP A 15 0.54 -11.21 7.05
N SER A 16 0.80 -12.38 7.62
CA SER A 16 -0.10 -13.54 7.46
C SER A 16 -1.52 -13.13 7.62
N ASN A 17 -1.80 -11.98 8.25
CA ASN A 17 -3.17 -11.55 8.17
C ASN A 17 -3.38 -11.93 6.72
N GLY A 18 -2.16 -12.09 6.16
CA GLY A 18 -1.88 -12.53 4.83
C GLY A 18 -2.65 -11.75 3.80
N ARG A 19 -2.40 -10.46 3.86
CA ARG A 19 -3.03 -9.49 2.97
C ARG A 19 -2.06 -8.34 2.68
N VAL A 20 -2.22 -7.75 1.51
CA VAL A 20 -1.38 -6.63 1.09
C VAL A 20 -2.11 -5.33 1.33
N TYR A 21 -1.92 -4.75 2.52
CA TYR A 21 -2.60 -3.51 2.89
C TYR A 21 -1.75 -2.28 2.63
N PHE A 22 -2.42 -1.15 2.37
CA PHE A 22 -1.75 0.11 2.10
C PHE A 22 -2.15 1.19 3.08
N VAL A 23 -1.16 1.79 3.72
CA VAL A 23 -1.39 2.84 4.67
C VAL A 23 -0.71 4.13 4.21
N ASN A 24 -1.45 4.92 3.44
CA ASN A 24 -0.96 6.19 2.93
C ASN A 24 -1.74 7.30 3.61
N HIS A 25 -1.04 8.23 4.24
CA HIS A 25 -1.75 9.27 4.93
C HIS A 25 -1.51 10.65 4.35
N ASN A 26 -2.26 10.95 3.31
CA ASN A 26 -2.28 12.27 2.72
C ASN A 26 -3.45 12.96 3.40
N THR A 27 -4.64 12.66 2.87
CA THR A 27 -5.88 13.09 3.45
C THR A 27 -6.36 11.97 4.38
N ARG A 28 -6.95 10.95 3.77
CA ARG A 28 -7.42 9.76 4.48
C ARG A 28 -7.42 8.55 3.53
N ILE A 29 -6.30 7.81 3.48
CA ILE A 29 -6.23 6.65 2.58
C ILE A 29 -5.83 5.36 3.30
N TPO A 30 -6.71 4.36 3.24
CA TPO A 30 -6.45 3.06 3.86
CB TPO A 30 -6.87 3.04 5.34
CG2 TPO A 30 -8.19 3.76 5.55
OG1 TPO A 30 -7.00 1.68 5.78
P TPO A 30 -6.35 1.11 7.17
O1P TPO A 30 -6.83 -0.27 7.39
O2P TPO A 30 -4.88 1.12 7.04
O3P TPO A 30 -6.77 1.98 8.28
C TPO A 30 -7.16 1.94 3.11
O TPO A 30 -8.33 1.64 3.36
H TPO A 30 -7.56 4.50 2.77
HA TPO A 30 -5.39 2.89 3.81
HB TPO A 30 -6.11 3.53 5.93
HG21 TPO A 30 -8.09 4.79 5.24
HG22 TPO A 30 -8.47 3.72 6.58
HG23 TPO A 30 -8.96 3.29 4.95
N GLN A 31 -6.43 1.31 2.20
CA GLN A 31 -6.94 0.20 1.39
C GLN A 31 -5.81 -0.76 1.10
N TRP A 32 -6.08 -2.05 0.94
CA TRP A 32 -4.97 -2.93 0.65
C TRP A 32 -4.79 -3.01 -0.86
N GLU A 33 -4.19 -1.97 -1.44
CA GLU A 33 -3.91 -1.95 -2.88
C GLU A 33 -2.83 -0.94 -3.26
N ASP A 34 -2.11 -1.21 -4.35
CA ASP A 34 -1.17 -0.21 -4.86
C ASP A 34 -2.03 0.96 -5.31
N PRO A 35 -1.64 2.22 -5.03
CA PRO A 35 -2.45 3.39 -5.35
C PRO A 35 -2.11 4.02 -6.69
N ARG A 36 -2.59 3.41 -7.76
CA ARG A 36 -2.34 3.92 -9.10
C ARG A 36 -2.92 5.33 -9.26
N SER A 37 -3.38 5.90 -8.15
CA SER A 37 -3.95 7.24 -8.15
C SER A 37 -2.85 8.30 -8.13
N GLY A 1 10.88 0.20 -7.34
CA GLY A 1 11.46 -1.08 -7.84
C GLY A 1 10.63 -1.69 -8.96
N ALA A 2 9.94 -0.84 -9.71
CA ALA A 2 9.11 -1.30 -10.82
C ALA A 2 7.92 -2.10 -10.31
N MET A 3 6.73 -1.53 -10.44
CA MET A 3 5.51 -2.20 -9.99
C MET A 3 5.70 -2.79 -8.60
N GLY A 4 4.65 -3.39 -8.07
CA GLY A 4 4.73 -3.99 -6.75
C GLY A 4 4.10 -3.12 -5.68
N PRO A 5 4.29 -3.47 -4.39
CA PRO A 5 3.72 -2.72 -3.27
C PRO A 5 4.38 -1.35 -3.06
N LEU A 6 3.69 -0.50 -2.30
CA LEU A 6 4.14 0.86 -2.01
C LEU A 6 4.75 1.52 -3.22
N PRO A 7 3.90 1.82 -4.18
CA PRO A 7 4.29 2.47 -5.43
C PRO A 7 4.63 3.94 -5.24
N PRO A 8 3.65 4.70 -4.80
CA PRO A 8 3.77 6.14 -4.53
C PRO A 8 4.42 6.45 -3.19
N GLY A 9 5.60 5.90 -2.94
CA GLY A 9 6.23 6.11 -1.64
C GLY A 9 5.23 5.83 -0.54
N TRP A 10 4.82 4.57 -0.49
CA TRP A 10 3.78 4.10 0.44
C TRP A 10 4.31 3.15 1.50
N GLU A 11 3.64 3.17 2.65
CA GLU A 11 3.99 2.27 3.73
C GLU A 11 3.07 1.05 3.68
N LYS A 12 3.49 0.05 2.92
CA LYS A 12 2.71 -1.17 2.73
C LYS A 12 3.42 -2.36 3.34
N ARG A 13 2.64 -3.33 3.76
CA ARG A 13 3.20 -4.54 4.36
C ARG A 13 2.33 -5.75 4.05
N THR A 14 2.98 -6.91 3.95
CA THR A 14 2.28 -8.15 3.66
C THR A 14 2.44 -9.15 4.81
N ASP A 15 1.53 -9.09 5.76
CA ASP A 15 1.53 -10.00 6.90
C ASP A 15 0.67 -11.21 6.60
N SER A 16 1.00 -12.36 7.18
CA SER A 16 0.23 -13.59 6.94
C SER A 16 -1.24 -13.37 7.14
N ASN A 17 -1.64 -12.31 7.84
CA ASN A 17 -3.04 -12.03 7.79
C ASN A 17 -3.22 -12.31 6.33
N GLY A 18 -1.98 -12.29 5.76
CA GLY A 18 -1.67 -12.58 4.40
C GLY A 18 -2.49 -11.79 3.43
N ARG A 19 -2.32 -10.48 3.59
CA ARG A 19 -3.00 -9.48 2.78
C ARG A 19 -2.06 -8.32 2.48
N VAL A 20 -2.27 -7.68 1.36
CA VAL A 20 -1.44 -6.54 0.96
C VAL A 20 -2.16 -5.23 1.24
N TYR A 21 -1.89 -4.64 2.41
CA TYR A 21 -2.56 -3.40 2.79
C TYR A 21 -1.68 -2.17 2.56
N PHE A 22 -2.33 -1.04 2.31
CA PHE A 22 -1.62 0.20 2.02
C PHE A 22 -1.91 1.29 3.04
N VAL A 23 -0.86 1.78 3.67
CA VAL A 23 -0.98 2.85 4.63
C VAL A 23 -0.38 4.13 4.02
N ASN A 24 -1.24 4.88 3.34
CA ASN A 24 -0.82 6.12 2.71
C ASN A 24 -1.47 7.27 3.45
N HIS A 25 -0.67 8.19 3.96
CA HIS A 25 -1.26 9.27 4.71
C HIS A 25 -0.96 10.64 4.13
N ASN A 26 -1.74 11.01 3.14
CA ASN A 26 -1.70 12.35 2.59
C ASN A 26 -2.79 13.09 3.32
N THR A 27 -4.01 12.89 2.85
CA THR A 27 -5.20 13.39 3.50
C THR A 27 -5.73 12.30 4.43
N ARG A 28 -6.38 11.32 3.82
CA ARG A 28 -6.91 10.15 4.53
C ARG A 28 -6.96 8.93 3.59
N ILE A 29 -5.89 8.13 3.53
CA ILE A 29 -5.88 6.97 2.63
C ILE A 29 -5.54 5.67 3.37
N TPO A 30 -6.47 4.70 3.28
CA TPO A 30 -6.29 3.40 3.91
CB TPO A 30 -6.77 3.38 5.37
CG2 TPO A 30 -8.16 3.98 5.48
OG1 TPO A 30 -6.78 2.04 5.87
P TPO A 30 -6.98 1.65 7.44
O1P TPO A 30 -7.50 2.83 8.15
O2P TPO A 30 -7.94 0.53 7.52
O3P TPO A 30 -5.68 1.24 8.00
C TPO A 30 -7.02 2.29 3.13
O TPO A 30 -8.21 2.08 3.31
H TPO A 30 -7.29 4.88 2.79
HA TPO A 30 -5.23 3.17 3.90
HB TPO A 30 -6.10 3.97 5.96
HG21 TPO A 30 -8.86 3.39 4.89
HG22 TPO A 30 -8.15 4.99 5.11
HG23 TPO A 30 -8.47 3.97 6.51
N GLN A 31 -6.28 1.62 2.26
CA GLN A 31 -6.83 0.54 1.44
C GLN A 31 -5.74 -0.47 1.13
N TRP A 32 -6.06 -1.75 0.96
CA TRP A 32 -5.00 -2.68 0.65
C TRP A 32 -4.87 -2.81 -0.86
N GLU A 33 -4.24 -1.83 -1.48
CA GLU A 33 -3.99 -1.85 -2.93
C GLU A 33 -2.86 -0.92 -3.35
N ASP A 34 -2.17 -1.25 -4.45
CA ASP A 34 -1.19 -0.34 -5.00
C ASP A 34 -1.98 0.89 -5.49
N PRO A 35 -1.56 2.12 -5.18
CA PRO A 35 -2.31 3.32 -5.54
C PRO A 35 -1.93 3.88 -6.90
N ARG A 36 -2.08 3.07 -7.94
CA ARG A 36 -1.74 3.49 -9.29
C ARG A 36 -2.42 4.82 -9.65
N SER A 37 -3.49 5.14 -8.92
CA SER A 37 -4.23 6.37 -9.16
C SER A 37 -5.26 6.61 -8.06
N GLY A 1 11.14 -1.04 -4.99
CA GLY A 1 11.96 -1.77 -6.01
C GLY A 1 11.31 -1.79 -7.37
N ALA A 2 11.41 -0.68 -8.09
CA ALA A 2 10.83 -0.58 -9.43
C ALA A 2 9.31 -0.43 -9.36
N MET A 3 8.61 -1.56 -9.35
CA MET A 3 7.16 -1.56 -9.29
C MET A 3 6.65 -2.49 -8.19
N GLY A 4 5.34 -2.72 -8.16
CA GLY A 4 4.77 -3.59 -7.15
C GLY A 4 4.36 -2.82 -5.91
N PRO A 5 4.16 -3.52 -4.78
CA PRO A 5 3.77 -2.91 -3.52
C PRO A 5 4.30 -1.49 -3.39
N LEU A 6 3.44 -0.64 -2.88
CA LEU A 6 3.74 0.77 -2.66
C LEU A 6 4.20 1.41 -3.94
N PRO A 7 3.27 1.55 -4.87
CA PRO A 7 3.53 2.16 -6.15
C PRO A 7 3.99 3.58 -5.92
N PRO A 8 3.16 4.31 -5.20
CA PRO A 8 3.40 5.67 -4.75
C PRO A 8 4.10 5.65 -3.38
N GLY A 9 4.22 6.80 -2.74
CA GLY A 9 4.80 6.82 -1.41
C GLY A 9 3.87 6.13 -0.42
N TRP A 10 4.08 4.83 -0.21
CA TRP A 10 3.18 4.06 0.64
C TRP A 10 3.86 3.24 1.73
N GLU A 11 3.16 3.08 2.85
CA GLU A 11 3.62 2.25 3.94
C GLU A 11 2.82 0.96 3.84
N LYS A 12 3.40 0.04 3.10
CA LYS A 12 2.74 -1.22 2.79
C LYS A 12 3.34 -2.43 3.45
N ARG A 13 2.50 -3.41 3.59
CA ARG A 13 2.88 -4.66 4.24
C ARG A 13 2.09 -5.85 3.69
N THR A 14 2.76 -7.00 3.67
CA THR A 14 2.15 -8.23 3.19
C THR A 14 2.40 -9.39 4.15
N ASP A 15 1.44 -9.62 5.04
CA ASP A 15 1.56 -10.69 6.03
C ASP A 15 0.54 -11.80 5.73
N SER A 16 0.88 -13.04 6.11
CA SER A 16 -0.01 -14.18 5.88
C SER A 16 -1.42 -13.85 6.25
N ASN A 17 -1.67 -12.82 7.04
CA ASN A 17 -3.05 -12.44 7.14
C ASN A 17 -3.38 -12.65 5.69
N GLY A 18 -2.22 -12.69 5.00
CA GLY A 18 -2.08 -12.93 3.60
C GLY A 18 -2.98 -12.06 2.78
N ARG A 19 -2.80 -10.78 3.04
CA ARG A 19 -3.54 -9.72 2.37
C ARG A 19 -2.59 -8.58 2.02
N VAL A 20 -2.91 -7.87 0.95
CA VAL A 20 -2.09 -6.75 0.51
C VAL A 20 -2.70 -5.44 0.99
N TYR A 21 -2.21 -4.96 2.12
CA TYR A 21 -2.75 -3.73 2.70
C TYR A 21 -1.87 -2.52 2.42
N PHE A 22 -2.51 -1.35 2.37
CA PHE A 22 -1.82 -0.11 2.06
C PHE A 22 -2.05 0.95 3.13
N VAL A 23 -0.97 1.60 3.54
CA VAL A 23 -1.04 2.66 4.53
C VAL A 23 -0.47 3.94 3.94
N ASN A 24 -1.33 4.72 3.31
CA ASN A 24 -0.92 5.97 2.70
C ASN A 24 -1.92 7.04 3.08
N HIS A 25 -1.46 8.19 3.47
CA HIS A 25 -2.41 9.21 3.86
C HIS A 25 -1.91 10.62 3.65
N ASN A 26 -2.14 11.20 2.47
CA ASN A 26 -1.79 12.59 2.31
C ASN A 26 -2.45 13.24 3.50
N THR A 27 -3.77 13.10 3.54
CA THR A 27 -4.56 13.52 4.67
C THR A 27 -4.70 12.31 5.59
N ARG A 28 -5.66 11.43 5.26
CA ARG A 28 -5.87 10.18 6.02
C ARG A 28 -6.54 9.10 5.15
N ILE A 29 -5.78 8.13 4.63
CA ILE A 29 -6.42 7.08 3.82
C ILE A 29 -5.72 5.72 3.96
N TPO A 30 -6.52 4.65 4.05
CA TPO A 30 -5.98 3.31 4.19
CB TPO A 30 -5.80 2.92 5.67
CG2 TPO A 30 -4.71 3.76 6.33
OG1 TPO A 30 -7.03 3.07 6.38
P TPO A 30 -7.18 2.91 8.00
O1P TPO A 30 -6.62 1.61 8.39
O2P TPO A 30 -6.42 3.99 8.65
O3P TPO A 30 -8.61 3.00 8.35
C TPO A 30 -6.87 2.25 3.51
O TPO A 30 -8.05 2.13 3.82
H TPO A 30 -7.49 4.78 4.03
HA TPO A 30 -5.01 3.29 3.72
HB TPO A 30 -5.50 1.87 5.72
HG21 TPO A 30 -4.60 3.46 7.35
HG22 TPO A 30 -5.01 4.80 6.29
HG23 TPO A 30 -3.78 3.62 5.80
N GLN A 31 -6.27 1.51 2.59
CA GLN A 31 -6.94 0.45 1.84
C GLN A 31 -5.95 -0.61 1.47
N TRP A 32 -6.37 -1.87 1.35
CA TRP A 32 -5.40 -2.87 0.96
C TRP A 32 -5.39 -3.02 -0.55
N GLU A 33 -4.75 -2.07 -1.23
CA GLU A 33 -4.62 -2.14 -2.69
C GLU A 33 -3.47 -1.29 -3.22
N ASP A 34 -2.90 -1.68 -4.37
CA ASP A 34 -1.92 -0.83 -5.02
C ASP A 34 -2.70 0.41 -5.44
N PRO A 35 -2.22 1.64 -5.20
CA PRO A 35 -2.99 2.85 -5.49
C PRO A 35 -2.78 3.36 -6.91
N ARG A 36 -2.49 2.45 -7.83
CA ARG A 36 -2.27 2.80 -9.22
C ARG A 36 -1.36 4.02 -9.35
N SER A 37 -0.65 4.32 -8.27
CA SER A 37 0.26 5.47 -8.24
C SER A 37 -0.51 6.76 -7.99
#